data_3FV6
#
_entry.id   3FV6
#
_cell.length_a   54.751
_cell.length_b   104.052
_cell.length_c   99.523
_cell.angle_alpha   90.00
_cell.angle_beta   90.00
_cell.angle_gamma   90.00
#
_symmetry.space_group_name_H-M   'C 2 2 21'
#
loop_
_entity.id
_entity.type
_entity.pdbx_description
1 polymer 'YqzB protein'
2 water water
#
_entity_poly.entity_id   1
_entity_poly.type   'polypeptide(L)'
_entity_poly.pdbx_seq_one_letter_code
;MTGKTGTQLLADKLKKLQVKDFQSIPVVIHENVSVYDAICTMFLEDVGTLFVVDRDAVLVGVLSRKDLLRASIGQQELTS
VPVHIIMTRMPNITVCRREDYVMDIAKHLIEKQIDALPVIKDTDKGFEVIGRVTKTNMTKILVSLSENEILLQHHHHHH
;
_entity_poly.pdbx_strand_id   A,B
#
# COMPACT_ATOMS: atom_id res chain seq x y z
N THR A 7 -31.29 2.06 7.18
CA THR A 7 -29.89 1.69 6.81
C THR A 7 -28.81 2.37 7.71
N GLN A 8 -29.14 3.50 8.35
CA GLN A 8 -28.22 4.12 9.34
C GLN A 8 -27.65 3.11 10.35
N LEU A 9 -28.52 2.23 10.86
CA LEU A 9 -28.24 1.23 11.89
C LEU A 9 -27.15 0.22 11.47
N LEU A 10 -27.28 -0.27 10.23
CA LEU A 10 -26.22 -1.06 9.59
C LEU A 10 -24.87 -0.34 9.57
N ALA A 11 -24.89 0.93 9.12
CA ALA A 11 -23.71 1.82 9.11
C ALA A 11 -23.15 2.00 10.54
N ASP A 12 -24.05 2.06 11.51
CA ASP A 12 -23.71 2.24 12.93
C ASP A 12 -23.01 1.01 13.54
N LYS A 13 -23.47 -0.18 13.09
CA LYS A 13 -22.75 -1.47 13.30
C LYS A 13 -21.35 -1.51 12.70
N LEU A 14 -21.17 -1.09 11.44
CA LEU A 14 -19.86 -1.13 10.78
C LEU A 14 -18.78 -0.35 11.53
N LYS A 15 -19.20 0.76 12.10
CA LYS A 15 -18.33 1.69 12.82
C LYS A 15 -17.91 1.17 14.21
N LYS A 16 -18.49 0.04 14.59
CA LYS A 16 -18.25 -0.61 15.86
C LYS A 16 -17.19 -1.72 15.76
N LEU A 17 -16.90 -2.21 14.53
CA LEU A 17 -15.79 -3.19 14.26
C LEU A 17 -14.45 -2.62 14.72
N GLN A 18 -13.61 -3.44 15.37
CA GLN A 18 -12.39 -2.96 16.05
C GLN A 18 -11.12 -3.54 15.50
N VAL A 19 -10.04 -2.79 15.69
CA VAL A 19 -8.69 -3.06 15.21
C VAL A 19 -8.19 -4.43 15.61
N LYS A 20 -8.40 -4.80 16.89
CA LYS A 20 -7.99 -6.11 17.38
C LYS A 20 -8.33 -7.27 16.43
N ASP A 21 -9.43 -7.17 15.72
CA ASP A 21 -9.85 -8.26 14.83
C ASP A 21 -9.27 -8.25 13.42
N PHE A 22 -8.46 -7.24 13.07
CA PHE A 22 -7.99 -7.03 11.71
C PHE A 22 -6.57 -6.41 11.69
N GLN A 23 -5.63 -7.03 12.43
CA GLN A 23 -4.27 -6.55 12.65
C GLN A 23 -3.34 -7.38 11.78
N SER A 24 -2.15 -6.86 11.51
CA SER A 24 -1.04 -7.67 11.04
C SER A 24 0.11 -7.63 12.03
N ILE A 25 1.14 -8.34 11.61
CA ILE A 25 2.36 -8.50 12.36
C ILE A 25 3.21 -7.19 12.24
N PRO A 26 3.60 -6.58 13.39
CA PRO A 26 4.49 -5.41 13.26
C PRO A 26 5.91 -5.84 13.06
N VAL A 27 6.71 -4.99 12.44
CA VAL A 27 8.14 -5.28 12.33
C VAL A 27 8.90 -4.13 12.96
N VAL A 28 9.78 -4.46 13.89
CA VAL A 28 10.40 -3.41 14.65
C VAL A 28 11.88 -3.41 14.41
N ILE A 29 12.49 -2.21 14.41
CA ILE A 29 13.97 -2.07 14.38
C ILE A 29 14.47 -1.07 15.42
N HIS A 30 15.68 -1.23 15.92
CA HIS A 30 16.19 -0.27 16.92
C HIS A 30 16.60 1.03 16.25
N GLU A 31 16.52 2.17 16.97
CA GLU A 31 16.74 3.51 16.33
C GLU A 31 18.18 3.76 15.89
N ASN A 32 19.10 2.90 16.30
CA ASN A 32 20.52 3.03 15.95
C ASN A 32 20.99 2.17 14.76
N VAL A 33 20.06 1.39 14.17
CA VAL A 33 20.31 0.63 12.98
C VAL A 33 20.57 1.56 11.80
N SER A 34 21.51 1.20 10.92
CA SER A 34 21.73 2.03 9.73
C SER A 34 20.49 2.01 8.80
N VAL A 35 20.35 3.03 7.97
CA VAL A 35 19.38 2.98 6.87
C VAL A 35 19.56 1.74 5.97
N TYR A 36 20.82 1.38 5.67
CA TYR A 36 21.04 0.19 4.83
C TYR A 36 20.48 -1.04 5.56
N ASP A 37 20.72 -1.13 6.88
CA ASP A 37 20.28 -2.33 7.60
C ASP A 37 18.78 -2.40 7.64
N ALA A 38 18.13 -1.25 7.79
CA ALA A 38 16.65 -1.22 7.76
C ALA A 38 16.09 -1.63 6.38
N ILE A 39 16.73 -1.22 5.29
CA ILE A 39 16.27 -1.66 3.96
C ILE A 39 16.38 -3.19 3.86
N CYS A 40 17.47 -3.72 4.38
CA CYS A 40 17.67 -5.17 4.42
C CYS A 40 16.49 -5.84 5.20
N THR A 41 16.16 -5.31 6.38
CA THR A 41 15.01 -5.83 7.19
C THR A 41 13.68 -5.80 6.42
N MET A 42 13.48 -4.71 5.71
CA MET A 42 12.25 -4.52 4.92
C MET A 42 12.11 -5.59 3.81
N PHE A 43 13.18 -5.93 3.08
CA PHE A 43 13.12 -7.04 2.12
C PHE A 43 13.01 -8.45 2.77
N LEU A 44 13.79 -8.67 3.83
CA LEU A 44 13.72 -9.90 4.58
C LEU A 44 12.32 -10.15 5.08
N GLU A 45 11.71 -9.13 5.74
CA GLU A 45 10.39 -9.32 6.28
C GLU A 45 9.30 -9.22 5.24
N ASP A 46 9.60 -8.53 4.13
CA ASP A 46 8.63 -8.28 3.06
C ASP A 46 7.45 -7.52 3.63
N VAL A 47 7.73 -6.32 4.17
CA VAL A 47 6.66 -5.42 4.64
C VAL A 47 6.99 -4.03 4.11
N GLY A 48 6.07 -3.07 4.16
CA GLY A 48 6.36 -1.81 3.53
C GLY A 48 6.58 -0.71 4.59
N THR A 49 6.41 -1.04 5.87
CA THR A 49 6.52 -0.06 6.95
C THR A 49 7.22 -0.68 8.15
N LEU A 50 8.24 0.03 8.65
CA LEU A 50 9.01 -0.39 9.83
C LEU A 50 8.70 0.51 11.00
N PHE A 51 8.59 -0.08 12.19
CA PHE A 51 8.41 0.69 13.45
C PHE A 51 9.69 0.71 14.25
N VAL A 52 10.16 1.91 14.56
CA VAL A 52 11.42 2.13 15.23
C VAL A 52 11.25 2.31 16.74
N VAL A 53 12.06 1.59 17.50
CA VAL A 53 11.97 1.65 18.94
C VAL A 53 13.27 2.07 19.52
N ASP A 54 13.22 2.55 20.75
CA ASP A 54 14.40 2.92 21.45
C ASP A 54 14.98 1.77 22.29
N ARG A 55 16.09 2.06 22.98
CA ARG A 55 16.74 1.17 23.93
C ARG A 55 15.74 0.42 24.86
N ASP A 56 14.62 1.08 25.16
CA ASP A 56 13.62 0.55 26.09
C ASP A 56 12.44 -0.15 25.42
N ALA A 57 12.55 -0.38 24.11
CA ALA A 57 11.49 -1.01 23.29
C ALA A 57 10.25 -0.13 23.17
N VAL A 58 10.48 1.19 23.31
CA VAL A 58 9.40 2.15 23.26
C VAL A 58 9.37 2.73 21.87
N LEU A 59 8.18 2.87 21.30
CA LEU A 59 8.05 3.45 19.94
C LEU A 59 8.55 4.91 19.83
N VAL A 60 9.43 5.16 18.85
CA VAL A 60 10.06 6.49 18.68
C VAL A 60 9.88 7.01 17.24
N GLY A 61 9.41 6.15 16.33
CA GLY A 61 9.33 6.56 14.95
C GLY A 61 8.76 5.51 14.03
N VAL A 62 8.50 5.95 12.81
CA VAL A 62 8.10 5.10 11.68
C VAL A 62 8.88 5.39 10.41
N LEU A 63 8.98 4.37 9.56
CA LEU A 63 9.82 4.43 8.36
C LEU A 63 9.07 3.62 7.30
N SER A 64 8.59 4.28 6.25
CA SER A 64 7.88 3.63 5.17
C SER A 64 8.88 3.31 4.04
N ARG A 65 8.48 2.44 3.15
CA ARG A 65 9.26 2.19 2.00
C ARG A 65 9.59 3.46 1.22
N LYS A 66 8.64 4.38 1.09
CA LYS A 66 8.90 5.67 0.48
C LYS A 66 10.05 6.41 1.11
N ASP A 67 10.16 6.41 2.43
CA ASP A 67 11.22 7.21 3.09
C ASP A 67 12.57 6.59 2.78
N LEU A 68 12.57 5.27 2.69
CA LEU A 68 13.81 4.54 2.43
C LEU A 68 14.28 4.75 0.99
N LEU A 69 13.32 4.75 0.06
CA LEU A 69 13.63 5.08 -1.34
C LEU A 69 14.15 6.51 -1.43
N ARG A 70 13.56 7.37 -0.64
CA ARG A 70 14.02 8.82 -0.64
C ARG A 70 15.48 8.91 -0.20
N ALA A 71 15.80 8.26 0.91
CA ALA A 71 17.19 8.11 1.40
C ALA A 71 18.15 7.39 0.45
N SER A 72 17.71 6.32 -0.19
CA SER A 72 18.62 5.55 -1.07
C SER A 72 18.99 6.32 -2.40
N ILE A 73 18.06 7.10 -2.94
CA ILE A 73 18.33 7.81 -4.20
C ILE A 73 18.91 9.15 -3.89
N GLY A 74 19.50 9.22 -2.70
CA GLY A 74 20.36 10.34 -2.26
C GLY A 74 21.83 9.95 -2.17
N GLN A 75 22.56 10.69 -1.35
CA GLN A 75 24.03 10.75 -1.46
C GLN A 75 24.81 10.61 -0.12
N GLN A 76 24.10 10.22 0.95
CA GLN A 76 24.72 9.95 2.25
C GLN A 76 25.13 8.47 2.28
N GLU A 77 26.16 8.20 3.08
CA GLU A 77 26.71 6.87 3.34
C GLU A 77 25.72 6.10 4.22
N LEU A 78 24.80 5.40 3.59
CA LEU A 78 23.62 4.92 4.32
C LEU A 78 23.89 3.69 5.17
N THR A 79 25.09 3.16 4.97
CA THR A 79 25.75 2.19 5.81
C THR A 79 26.21 2.80 7.15
N SER A 80 26.20 4.13 7.16
CA SER A 80 26.58 4.94 8.31
C SER A 80 25.41 5.52 9.03
N VAL A 81 24.43 5.94 8.23
CA VAL A 81 23.41 6.88 8.69
C VAL A 81 22.43 6.06 9.58
N PRO A 82 22.38 6.35 10.91
CA PRO A 82 21.36 5.64 11.73
C PRO A 82 19.94 6.07 11.35
N VAL A 83 18.94 5.21 11.58
CA VAL A 83 17.56 5.51 11.11
C VAL A 83 16.92 6.66 11.87
N HIS A 84 17.40 6.92 13.09
CA HIS A 84 16.84 8.05 13.79
C HIS A 84 17.05 9.32 12.96
N ILE A 85 18.00 9.32 12.03
CA ILE A 85 18.28 10.59 11.32
C ILE A 85 17.17 10.96 10.37
N ILE A 86 16.54 9.96 9.77
CA ILE A 86 15.52 10.18 8.78
C ILE A 86 14.10 9.69 9.15
N MET A 87 13.94 8.94 10.25
CA MET A 87 12.64 8.42 10.61
C MET A 87 11.62 9.52 10.91
N THR A 88 10.33 9.26 10.68
CA THR A 88 9.27 10.20 11.18
C THR A 88 9.25 10.03 12.68
N ARG A 89 9.26 11.14 13.40
CA ARG A 89 9.36 11.14 14.85
C ARG A 89 8.06 11.38 15.60
N MET A 90 8.14 11.07 16.88
CA MET A 90 7.04 11.00 17.79
C MET A 90 6.59 12.39 18.35
N PRO A 91 6.51 13.43 17.47
CA PRO A 91 5.26 14.20 17.46
C PRO A 91 4.35 13.77 16.28
N ASN A 92 4.95 13.59 15.09
CA ASN A 92 4.17 13.39 13.84
C ASN A 92 3.69 11.99 13.46
N ILE A 93 3.70 11.07 14.42
CA ILE A 93 3.22 9.68 14.17
C ILE A 93 1.80 9.47 14.72
N THR A 94 0.96 8.81 13.93
CA THR A 94 -0.42 8.47 14.34
C THR A 94 -0.41 7.04 14.87
N VAL A 95 -0.87 6.80 16.11
CA VAL A 95 -0.94 5.43 16.60
C VAL A 95 -2.42 5.02 16.66
N CYS A 96 -2.65 3.73 16.92
CA CYS A 96 -3.93 3.31 17.42
C CYS A 96 -3.76 2.21 18.48
N ARG A 97 -4.88 1.88 19.15
CA ARG A 97 -4.99 0.77 20.12
C ARG A 97 -5.93 -0.35 19.63
N ARG A 98 -5.75 -1.57 20.16
CA ARG A 98 -6.53 -2.72 19.71
C ARG A 98 -8.04 -2.43 19.82
N GLU A 99 -8.42 -1.58 20.78
CA GLU A 99 -9.82 -1.26 21.06
C GLU A 99 -10.42 -0.23 20.11
N ASP A 100 -9.58 0.45 19.35
CA ASP A 100 -10.04 1.42 18.37
C ASP A 100 -10.90 0.81 17.26
N TYR A 101 -11.66 1.69 16.58
CA TYR A 101 -12.61 1.27 15.53
C TYR A 101 -12.03 1.36 14.16
N VAL A 102 -12.27 0.32 13.34
CA VAL A 102 -11.58 0.16 12.04
C VAL A 102 -11.87 1.28 11.04
N MET A 103 -13.10 1.81 11.09
CA MET A 103 -13.52 2.92 10.23
C MET A 103 -12.76 4.21 10.54
N ASP A 104 -12.55 4.49 11.82
CA ASP A 104 -11.68 5.58 12.25
C ASP A 104 -10.27 5.51 11.67
N ILE A 105 -9.64 4.32 11.79
CA ILE A 105 -8.25 4.09 11.34
C ILE A 105 -8.15 4.22 9.82
N ALA A 106 -9.17 3.69 9.13
CA ALA A 106 -9.27 3.67 7.68
C ALA A 106 -9.26 5.11 7.16
N LYS A 107 -10.06 5.96 7.76
CA LYS A 107 -10.05 7.39 7.47
C LYS A 107 -8.66 8.06 7.63
N HIS A 108 -7.94 7.77 8.74
CA HIS A 108 -6.55 8.25 8.99
C HIS A 108 -5.60 7.73 7.90
N LEU A 109 -5.70 6.44 7.54
CA LEU A 109 -4.82 5.88 6.47
C LEU A 109 -5.04 6.67 5.17
N ILE A 110 -6.28 7.03 4.88
CA ILE A 110 -6.59 7.77 3.67
C ILE A 110 -6.05 9.20 3.66
N GLU A 111 -6.38 9.99 4.67
CA GLU A 111 -5.89 11.37 4.78
C GLU A 111 -4.37 11.42 4.70
N LYS A 112 -3.74 10.62 5.56
CA LYS A 112 -2.26 10.64 5.75
C LYS A 112 -1.51 10.01 4.59
N GLN A 113 -2.25 9.28 3.74
CA GLN A 113 -1.71 8.70 2.52
C GLN A 113 -0.57 7.78 2.89
N ILE A 114 -0.83 6.88 3.85
CA ILE A 114 0.17 5.93 4.32
C ILE A 114 -0.47 4.58 4.31
N ASP A 115 0.33 3.54 4.13
CA ASP A 115 -0.19 2.23 4.09
C ASP A 115 -0.47 1.58 5.43
N ALA A 116 0.15 2.09 6.51
CA ALA A 116 0.12 1.37 7.80
C ALA A 116 0.16 2.34 8.99
N LEU A 117 -0.41 1.92 10.13
CA LEU A 117 -0.26 2.63 11.41
C LEU A 117 0.23 1.60 12.42
N PRO A 118 0.97 2.06 13.42
CA PRO A 118 1.26 1.14 14.51
C PRO A 118 0.04 1.02 15.51
N VAL A 119 -0.26 -0.23 15.87
CA VAL A 119 -1.05 -0.56 17.04
C VAL A 119 -0.12 -0.67 18.27
N ILE A 120 -0.42 0.07 19.31
CA ILE A 120 0.40 0.10 20.48
C ILE A 120 -0.45 -0.20 21.76
N LYS A 121 0.23 -0.57 22.83
CA LYS A 121 -0.40 -0.68 24.13
C LYS A 121 0.26 0.38 24.98
N ASP A 122 -0.57 1.02 25.89
CA ASP A 122 -0.11 2.05 26.89
C ASP A 122 0.38 1.44 28.23
N THR A 123 1.70 1.40 28.49
CA THR A 123 2.13 0.69 29.68
C THR A 123 2.81 1.67 30.61
N ASP A 124 3.29 1.08 31.74
CA ASP A 124 4.25 1.70 32.67
C ASP A 124 5.47 2.33 31.98
N LYS A 125 5.90 1.74 30.84
CA LYS A 125 7.10 2.15 30.04
C LYS A 125 6.78 3.16 28.86
N GLY A 126 5.58 3.04 28.23
CA GLY A 126 5.17 4.03 27.23
C GLY A 126 4.40 3.30 26.13
N PHE A 127 4.57 3.75 24.88
CA PHE A 127 3.92 3.08 23.80
C PHE A 127 4.81 1.87 23.50
N GLU A 128 4.28 0.66 23.80
CA GLU A 128 4.88 -0.57 23.25
C GLU A 128 4.12 -1.08 22.03
N VAL A 129 4.86 -1.48 21.00
CA VAL A 129 4.30 -1.93 19.68
C VAL A 129 3.71 -3.31 19.81
N ILE A 130 2.48 -3.51 19.32
CA ILE A 130 1.87 -4.82 19.44
C ILE A 130 1.18 -5.32 18.13
N GLY A 131 1.09 -4.46 17.12
CA GLY A 131 0.42 -4.85 15.83
C GLY A 131 0.68 -3.78 14.80
N ARG A 132 0.19 -3.99 13.59
CA ARG A 132 0.32 -3.05 12.51
C ARG A 132 -1.07 -3.19 11.89
N VAL A 133 -1.64 -2.09 11.42
CA VAL A 133 -2.89 -2.14 10.64
C VAL A 133 -2.71 -1.32 9.34
N THR A 134 -3.21 -1.89 8.21
CA THR A 134 -2.78 -1.45 6.87
C THR A 134 -4.00 -1.34 5.94
N LYS A 135 -3.75 -0.73 4.78
CA LYS A 135 -4.76 -0.68 3.67
C LYS A 135 -5.07 -2.09 3.11
N THR A 136 -4.12 -3.02 3.25
CA THR A 136 -4.40 -4.49 2.98
C THR A 136 -5.44 -5.09 3.96
N ASN A 137 -5.28 -4.75 5.22
CA ASN A 137 -6.27 -5.17 6.21
C ASN A 137 -7.63 -4.64 5.86
N MET A 138 -7.69 -3.36 5.57
CA MET A 138 -8.97 -2.77 5.19
C MET A 138 -9.58 -3.41 3.95
N THR A 139 -8.72 -3.69 2.95
CA THR A 139 -9.15 -4.36 1.73
C THR A 139 -9.70 -5.77 2.06
N LYS A 140 -9.06 -6.48 2.99
CA LYS A 140 -9.53 -7.81 3.44
C LYS A 140 -10.90 -7.70 4.10
N ILE A 141 -11.07 -6.69 4.95
CA ILE A 141 -12.42 -6.44 5.48
C ILE A 141 -13.49 -6.22 4.40
N LEU A 142 -13.16 -5.43 3.39
CA LEU A 142 -14.12 -5.14 2.33
C LEU A 142 -14.46 -6.43 1.64
N VAL A 143 -13.46 -7.28 1.32
CA VAL A 143 -13.74 -8.59 0.74
C VAL A 143 -14.68 -9.50 1.62
N SER A 144 -14.37 -9.55 2.91
CA SER A 144 -15.16 -10.36 3.89
C SER A 144 -16.64 -9.92 3.94
N LEU A 145 -16.84 -8.59 3.90
CA LEU A 145 -18.19 -8.01 3.84
C LEU A 145 -18.87 -8.46 2.53
N SER A 146 -18.11 -8.51 1.44
CA SER A 146 -18.74 -8.81 0.16
C SER A 146 -19.18 -10.28 0.04
N GLU A 147 -18.57 -11.13 0.89
CA GLU A 147 -18.83 -12.55 0.99
C GLU A 147 -19.80 -12.86 2.17
N ASN A 148 -20.35 -11.81 2.79
CA ASN A 148 -21.23 -12.01 4.00
C ASN A 148 -20.50 -12.89 5.10
N GLU A 149 -19.17 -12.64 5.29
CA GLU A 149 -18.38 -13.43 6.28
C GLU A 149 -18.15 -12.73 7.60
N ILE A 150 -18.79 -11.56 7.78
CA ILE A 150 -18.74 -10.92 9.11
C ILE A 150 -20.12 -10.58 9.74
N LEU A 151 -20.36 -10.92 11.02
CA LEU A 151 -20.71 -9.88 12.15
C LEU A 151 -20.34 -10.26 13.53
N GLY B 3 -31.60 -10.60 -1.09
CA GLY B 3 -30.95 -11.26 0.09
C GLY B 3 -31.76 -11.01 1.36
N LYS B 4 -31.64 -11.94 2.30
CA LYS B 4 -32.45 -11.96 3.51
C LYS B 4 -32.08 -11.05 4.70
N THR B 5 -30.82 -10.71 4.91
CA THR B 5 -30.48 -9.84 6.05
C THR B 5 -29.83 -8.56 5.47
N GLY B 6 -29.68 -7.56 6.34
CA GLY B 6 -29.02 -6.34 5.93
C GLY B 6 -27.56 -6.61 5.53
N THR B 7 -26.89 -7.56 6.16
CA THR B 7 -25.48 -7.80 5.75
C THR B 7 -25.43 -8.47 4.38
N GLN B 8 -26.44 -9.31 4.10
CA GLN B 8 -26.55 -9.95 2.79
C GLN B 8 -26.88 -8.91 1.73
N LEU B 9 -27.70 -7.91 2.06
CA LEU B 9 -27.97 -6.84 1.08
C LEU B 9 -26.74 -5.98 0.75
N LEU B 10 -25.98 -5.67 1.78
CA LEU B 10 -24.66 -5.05 1.66
C LEU B 10 -23.76 -5.94 0.79
N ALA B 11 -23.63 -7.22 1.10
CA ALA B 11 -22.78 -8.08 0.27
C ALA B 11 -23.23 -8.02 -1.22
N ASP B 12 -24.53 -8.19 -1.49
CA ASP B 12 -25.01 -8.15 -2.88
C ASP B 12 -24.64 -6.85 -3.61
N LYS B 13 -24.83 -5.70 -2.94
CA LYS B 13 -24.44 -4.46 -3.58
C LYS B 13 -22.91 -4.44 -3.83
N LEU B 14 -22.12 -4.92 -2.87
CA LEU B 14 -20.67 -4.79 -2.99
C LEU B 14 -20.20 -5.60 -4.17
N LYS B 15 -20.81 -6.77 -4.33
CA LYS B 15 -20.55 -7.71 -5.46
C LYS B 15 -20.87 -7.18 -6.89
N LYS B 16 -21.66 -6.10 -6.98
CA LYS B 16 -22.11 -5.51 -8.25
C LYS B 16 -21.25 -4.31 -8.66
N LEU B 17 -20.42 -3.79 -7.75
CA LEU B 17 -19.60 -2.61 -8.01
C LEU B 17 -18.65 -2.93 -9.15
N GLN B 18 -18.54 -2.01 -10.09
CA GLN B 18 -17.65 -2.18 -11.27
C GLN B 18 -16.45 -1.22 -11.25
N VAL B 19 -15.33 -1.73 -11.72
CA VAL B 19 -14.08 -0.97 -11.84
C VAL B 19 -14.27 0.46 -12.43
N LYS B 20 -15.00 0.58 -13.56
CA LYS B 20 -15.24 1.92 -14.19
C LYS B 20 -15.69 3.00 -13.18
N ASP B 21 -16.28 2.59 -12.08
CA ASP B 21 -16.76 3.57 -11.11
C ASP B 21 -15.79 3.90 -9.96
N PHE B 22 -14.67 3.21 -9.88
CA PHE B 22 -13.81 3.21 -8.69
C PHE B 22 -12.34 3.16 -9.08
N GLN B 23 -12.02 3.79 -10.16
CA GLN B 23 -10.65 3.76 -10.67
C GLN B 23 -10.04 5.15 -10.43
N SER B 24 -8.71 5.15 -10.43
CA SER B 24 -7.88 6.32 -10.35
C SER B 24 -7.17 6.57 -11.68
N ILE B 25 -6.58 7.76 -11.84
CA ILE B 25 -5.95 8.05 -13.14
C ILE B 25 -4.69 7.22 -13.24
N PRO B 26 -4.33 6.76 -14.42
CA PRO B 26 -3.13 5.95 -14.43
C PRO B 26 -1.88 6.81 -14.56
N VAL B 27 -0.73 6.32 -14.09
CA VAL B 27 0.55 6.99 -14.27
C VAL B 27 1.41 6.06 -15.10
N VAL B 28 1.77 6.50 -16.28
CA VAL B 28 2.38 5.69 -17.29
C VAL B 28 3.74 6.30 -17.67
N ILE B 29 4.75 5.46 -17.82
CA ILE B 29 6.07 5.92 -18.35
C ILE B 29 6.48 5.07 -19.52
N HIS B 30 7.31 5.64 -20.37
CA HIS B 30 7.85 4.90 -21.48
C HIS B 30 8.96 3.93 -20.99
N GLU B 31 9.09 2.78 -21.70
CA GLU B 31 10.05 1.69 -21.29
C GLU B 31 11.57 2.05 -21.32
N ASN B 32 11.94 3.12 -22.00
CA ASN B 32 13.34 3.52 -22.09
C ASN B 32 13.73 4.63 -21.16
N VAL B 33 12.77 5.19 -20.45
CA VAL B 33 13.09 6.08 -19.32
C VAL B 33 14.01 5.38 -18.27
N SER B 34 14.91 6.12 -17.65
CA SER B 34 15.82 5.49 -16.64
C SER B 34 15.16 5.17 -15.31
N VAL B 35 15.75 4.25 -14.57
CA VAL B 35 15.30 3.89 -13.24
C VAL B 35 15.25 5.14 -12.36
N TYR B 36 16.25 6.03 -12.49
CA TYR B 36 16.27 7.25 -11.69
C TYR B 36 15.08 8.11 -12.03
N ASP B 37 14.84 8.26 -13.34
CA ASP B 37 13.68 9.02 -13.79
C ASP B 37 12.36 8.46 -13.34
N ALA B 38 12.23 7.11 -13.31
CA ALA B 38 11.07 6.45 -12.78
C ALA B 38 10.90 6.83 -11.31
N ILE B 39 11.98 6.81 -10.54
CA ILE B 39 11.85 7.12 -9.11
C ILE B 39 11.30 8.58 -8.97
N CYS B 40 11.85 9.49 -9.76
CA CYS B 40 11.48 10.92 -9.67
C CYS B 40 10.01 11.04 -9.99
N THR B 41 9.55 10.22 -10.96
CA THR B 41 8.12 10.24 -11.38
C THR B 41 7.22 9.74 -10.31
N MET B 42 7.68 8.71 -9.60
CA MET B 42 6.91 8.23 -8.50
C MET B 42 6.65 9.32 -7.44
N PHE B 43 7.68 10.07 -7.05
CA PHE B 43 7.51 11.13 -6.07
C PHE B 43 6.82 12.34 -6.64
N LEU B 44 7.05 12.65 -7.91
CA LEU B 44 6.29 13.72 -8.54
C LEU B 44 4.77 13.51 -8.59
N GLU B 45 4.35 12.34 -9.05
CA GLU B 45 2.97 11.95 -9.14
C GLU B 45 2.33 11.39 -7.88
N ASP B 46 3.13 11.13 -6.84
CA ASP B 46 2.57 10.61 -5.60
C ASP B 46 1.85 9.24 -5.75
N VAL B 47 2.50 8.29 -6.41
CA VAL B 47 1.96 6.96 -6.62
C VAL B 47 3.02 5.92 -6.19
N GLY B 48 2.62 4.70 -5.96
CA GLY B 48 3.58 3.68 -5.59
C GLY B 48 3.71 2.59 -6.65
N THR B 49 3.07 2.79 -7.81
CA THR B 49 3.13 1.88 -8.92
C THR B 49 3.19 2.69 -10.20
N LEU B 50 3.99 2.25 -11.18
CA LEU B 50 3.96 2.90 -12.48
C LEU B 50 3.71 1.83 -13.53
N PHE B 51 2.95 2.16 -14.58
CA PHE B 51 2.77 1.23 -15.69
C PHE B 51 3.69 1.69 -16.79
N VAL B 52 4.22 0.75 -17.48
CA VAL B 52 5.24 1.02 -18.45
C VAL B 52 4.65 0.67 -19.80
N VAL B 53 4.78 1.56 -20.75
CA VAL B 53 4.29 1.34 -22.13
C VAL B 53 5.39 1.48 -23.19
N ASP B 54 5.08 1.01 -24.41
CA ASP B 54 6.04 1.08 -25.50
C ASP B 54 5.78 2.33 -26.39
N ARG B 55 6.43 2.42 -27.56
CA ARG B 55 6.28 3.58 -28.46
C ARG B 55 4.86 3.71 -29.08
N ASP B 56 4.04 2.69 -28.89
CA ASP B 56 2.64 2.76 -29.30
C ASP B 56 1.68 2.94 -28.14
N ALA B 57 2.23 3.17 -26.95
CA ALA B 57 1.41 3.32 -25.78
C ALA B 57 0.67 2.03 -25.46
N VAL B 58 1.30 0.89 -25.68
CA VAL B 58 0.71 -0.38 -25.26
C VAL B 58 1.42 -0.86 -24.00
N LEU B 59 0.67 -1.39 -23.01
CA LEU B 59 1.26 -1.93 -21.77
C LEU B 59 2.35 -2.98 -22.04
N VAL B 60 3.55 -2.72 -21.54
CA VAL B 60 4.66 -3.74 -21.57
C VAL B 60 5.16 -4.22 -20.19
N GLY B 61 4.89 -3.43 -19.16
CA GLY B 61 5.43 -3.75 -17.86
C GLY B 61 4.83 -2.97 -16.70
N VAL B 62 5.17 -3.40 -15.49
CA VAL B 62 4.77 -2.65 -14.31
C VAL B 62 5.97 -2.51 -13.34
N LEU B 63 5.99 -1.40 -12.58
CA LEU B 63 7.06 -1.14 -11.64
C LEU B 63 6.46 -0.73 -10.33
N SER B 64 6.86 -1.41 -9.25
CA SER B 64 6.39 -0.99 -7.92
C SER B 64 7.43 -0.19 -7.19
N ARG B 65 7.02 0.59 -6.18
CA ARG B 65 8.04 1.19 -5.31
C ARG B 65 9.08 0.19 -4.78
N LYS B 66 8.68 -1.05 -4.44
CA LYS B 66 9.64 -2.06 -4.00
C LYS B 66 10.70 -2.36 -5.09
N ASP B 67 10.29 -2.52 -6.34
CA ASP B 67 11.20 -2.77 -7.46
C ASP B 67 12.24 -1.66 -7.58
N LEU B 68 11.80 -0.42 -7.45
CA LEU B 68 12.69 0.72 -7.59
C LEU B 68 13.68 0.83 -6.40
N LEU B 69 13.20 0.58 -5.20
CA LEU B 69 14.10 0.54 -4.02
C LEU B 69 15.17 -0.53 -4.21
N ARG B 70 14.72 -1.72 -4.63
CA ARG B 70 15.65 -2.82 -4.88
C ARG B 70 16.74 -2.45 -5.86
N ALA B 71 16.32 -1.84 -6.98
CA ALA B 71 17.22 -1.41 -8.01
C ALA B 71 18.25 -0.37 -7.48
N SER B 72 17.72 0.56 -6.68
CA SER B 72 18.52 1.68 -6.21
C SER B 72 19.59 1.31 -5.18
N ILE B 73 19.29 0.30 -4.39
CA ILE B 73 20.14 -0.03 -3.21
C ILE B 73 21.12 -1.20 -3.51
N GLY B 74 20.95 -1.87 -4.64
CA GLY B 74 21.71 -3.07 -4.85
C GLY B 74 23.14 -2.84 -5.24
N GLN B 75 23.84 -3.95 -5.49
CA GLN B 75 25.31 -3.93 -5.72
C GLN B 75 25.70 -3.38 -7.08
N GLN B 76 24.89 -3.71 -8.10
CA GLN B 76 25.08 -3.20 -9.46
C GLN B 76 24.58 -1.77 -9.55
N GLU B 77 25.22 -0.96 -10.38
CA GLU B 77 24.64 0.36 -10.75
C GLU B 77 23.41 0.17 -11.69
N LEU B 78 22.21 0.35 -11.13
CA LEU B 78 21.02 0.16 -11.97
C LEU B 78 20.20 1.40 -12.09
N THR B 79 20.59 2.50 -11.47
CA THR B 79 19.77 3.71 -11.58
C THR B 79 19.87 4.37 -12.96
N SER B 80 20.96 4.07 -13.69
CA SER B 80 21.13 4.64 -15.03
C SER B 80 20.44 3.82 -16.14
N VAL B 81 19.98 2.63 -15.81
CA VAL B 81 19.49 1.72 -16.88
C VAL B 81 18.03 2.03 -17.25
N PRO B 82 17.62 1.69 -18.49
CA PRO B 82 16.23 1.81 -18.89
C PRO B 82 15.36 0.91 -18.03
N VAL B 83 14.18 1.41 -17.66
CA VAL B 83 13.28 0.59 -16.87
C VAL B 83 12.93 -0.79 -17.43
N HIS B 84 13.01 -0.98 -18.75
CA HIS B 84 12.62 -2.28 -19.28
C HIS B 84 13.58 -3.40 -18.83
N ILE B 85 14.78 -3.01 -18.42
CA ILE B 85 15.71 -3.94 -17.77
C ILE B 85 15.08 -4.57 -16.52
N ILE B 86 14.41 -3.76 -15.68
CA ILE B 86 13.99 -4.18 -14.35
C ILE B 86 12.47 -4.41 -14.21
N MET B 87 11.67 -3.93 -15.15
CA MET B 87 10.20 -4.01 -14.96
C MET B 87 9.72 -5.46 -14.95
N THR B 88 8.61 -5.73 -14.25
CA THR B 88 7.86 -6.99 -14.44
C THR B 88 7.22 -6.99 -15.83
N ARG B 89 7.42 -8.08 -16.56
CA ARG B 89 6.92 -8.25 -17.92
C ARG B 89 5.58 -8.97 -18.05
N MET B 90 5.00 -8.91 -19.24
CA MET B 90 3.61 -9.26 -19.47
C MET B 90 3.21 -10.69 -19.01
N PRO B 91 4.12 -11.70 -19.18
CA PRO B 91 3.78 -13.04 -18.72
C PRO B 91 3.34 -13.08 -17.29
N ASN B 92 3.84 -12.10 -16.52
CA ASN B 92 3.65 -11.94 -15.09
C ASN B 92 2.79 -10.71 -14.73
N ILE B 93 2.03 -10.17 -15.66
CA ILE B 93 1.17 -9.04 -15.32
C ILE B 93 -0.31 -9.43 -15.36
N THR B 94 -1.06 -8.95 -14.36
CA THR B 94 -2.53 -9.17 -14.26
C THR B 94 -3.16 -7.82 -14.55
N VAL B 95 -4.07 -7.76 -15.51
CA VAL B 95 -4.81 -6.50 -15.81
C VAL B 95 -6.29 -6.67 -15.40
N CYS B 96 -7.04 -5.60 -15.47
CA CYS B 96 -8.52 -5.72 -15.40
C CYS B 96 -9.12 -4.74 -16.37
N ARG B 97 -10.44 -4.82 -16.52
CA ARG B 97 -11.19 -4.04 -17.52
C ARG B 97 -12.26 -3.26 -16.77
N ARG B 98 -12.73 -2.15 -17.37
CA ARG B 98 -13.81 -1.27 -16.83
C ARG B 98 -15.06 -1.95 -16.24
N GLU B 99 -15.48 -3.01 -16.93
CA GLU B 99 -16.72 -3.78 -16.63
C GLU B 99 -16.53 -4.90 -15.55
N ASP B 100 -15.30 -5.10 -15.08
CA ASP B 100 -15.03 -6.22 -14.14
C ASP B 100 -15.53 -5.78 -12.81
N TYR B 101 -15.64 -6.75 -11.93
CA TYR B 101 -16.17 -6.46 -10.58
C TYR B 101 -15.04 -6.05 -9.66
N VAL B 102 -15.31 -5.01 -8.90
CA VAL B 102 -14.33 -4.42 -7.96
C VAL B 102 -13.87 -5.50 -6.95
N MET B 103 -14.82 -6.28 -6.47
CA MET B 103 -14.45 -7.28 -5.48
C MET B 103 -13.51 -8.35 -6.01
N ASP B 104 -13.66 -8.74 -7.29
CA ASP B 104 -12.75 -9.70 -7.88
C ASP B 104 -11.34 -9.08 -7.96
N ILE B 105 -11.27 -7.79 -8.32
CA ILE B 105 -9.95 -7.09 -8.29
C ILE B 105 -9.33 -7.00 -6.84
N ALA B 106 -10.16 -6.67 -5.85
CA ALA B 106 -9.69 -6.66 -4.47
C ALA B 106 -9.07 -8.00 -4.09
N LYS B 107 -9.73 -9.10 -4.44
CA LYS B 107 -9.24 -10.45 -4.16
C LYS B 107 -7.85 -10.69 -4.80
N HIS B 108 -7.69 -10.24 -6.03
CA HIS B 108 -6.39 -10.29 -6.75
C HIS B 108 -5.29 -9.47 -6.04
N LEU B 109 -5.64 -8.24 -5.68
CA LEU B 109 -4.69 -7.39 -4.93
C LEU B 109 -4.13 -8.14 -3.71
N ILE B 110 -5.03 -8.76 -2.98
CA ILE B 110 -4.67 -9.43 -1.72
C ILE B 110 -3.86 -10.67 -2.06
N GLU B 111 -4.34 -11.48 -2.99
CA GLU B 111 -3.63 -12.73 -3.32
C GLU B 111 -2.21 -12.47 -3.90
N LYS B 112 -2.09 -11.48 -4.78
CA LYS B 112 -0.84 -11.16 -5.51
C LYS B 112 0.03 -10.21 -4.71
N GLN B 113 -0.44 -9.74 -3.56
CA GLN B 113 0.36 -8.90 -2.65
C GLN B 113 0.93 -7.67 -3.38
N ILE B 114 0.04 -7.00 -4.10
CA ILE B 114 0.40 -5.81 -4.78
C ILE B 114 -0.64 -4.71 -4.54
N ASP B 115 -0.23 -3.45 -4.64
CA ASP B 115 -1.06 -2.28 -4.22
C ASP B 115 -2.01 -1.88 -5.36
N ALA B 116 -1.68 -2.25 -6.63
CA ALA B 116 -2.40 -1.68 -7.80
C ALA B 116 -2.40 -2.59 -9.01
N LEU B 117 -3.46 -2.52 -9.83
CA LEU B 117 -3.56 -3.22 -11.08
C LEU B 117 -3.86 -2.15 -12.13
N PRO B 118 -3.36 -2.36 -13.37
CA PRO B 118 -3.83 -1.44 -14.43
C PRO B 118 -5.17 -1.89 -14.94
N VAL B 119 -5.98 -0.89 -15.26
CA VAL B 119 -7.20 -1.04 -16.05
C VAL B 119 -6.84 -0.74 -17.47
N ILE B 120 -7.21 -1.64 -18.38
CA ILE B 120 -6.88 -1.49 -19.78
C ILE B 120 -8.17 -1.63 -20.65
N LYS B 121 -7.98 -1.29 -21.91
CA LYS B 121 -8.93 -1.41 -23.00
C LYS B 121 -8.21 -2.28 -24.03
N ASP B 122 -8.90 -3.30 -24.58
CA ASP B 122 -8.34 -4.16 -25.59
C ASP B 122 -8.33 -3.40 -26.89
N THR B 123 -7.19 -3.43 -27.56
CA THR B 123 -7.13 -2.81 -28.84
C THR B 123 -6.38 -3.83 -29.72
N ASP B 124 -6.42 -3.59 -31.01
CA ASP B 124 -5.64 -4.37 -31.97
C ASP B 124 -4.12 -4.42 -31.75
N LYS B 125 -3.56 -3.42 -31.06
CA LYS B 125 -2.13 -3.37 -30.81
C LYS B 125 -1.75 -3.98 -29.46
N GLY B 126 -2.75 -4.33 -28.64
CA GLY B 126 -2.44 -4.73 -27.28
C GLY B 126 -3.22 -3.88 -26.33
N PHE B 127 -2.88 -3.97 -25.05
CA PHE B 127 -3.66 -3.32 -23.97
C PHE B 127 -3.28 -1.86 -23.84
N GLU B 128 -4.25 -0.94 -23.98
CA GLU B 128 -4.03 0.51 -23.67
C GLU B 128 -4.43 0.79 -22.23
N VAL B 129 -3.63 1.58 -21.50
CA VAL B 129 -3.83 1.76 -20.06
C VAL B 129 -4.83 2.90 -19.89
N ILE B 130 -5.95 2.69 -19.19
CA ILE B 130 -6.90 3.76 -19.07
C ILE B 130 -7.20 4.05 -17.63
N GLY B 131 -6.60 3.29 -16.72
CA GLY B 131 -6.83 3.60 -15.31
C GLY B 131 -6.01 2.79 -14.39
N ARG B 132 -6.16 3.03 -13.09
CA ARG B 132 -5.55 2.22 -12.07
C ARG B 132 -6.55 1.97 -10.93
N VAL B 133 -6.52 0.77 -10.39
CA VAL B 133 -7.32 0.44 -9.18
C VAL B 133 -6.40 -0.10 -8.09
N THR B 134 -6.58 0.42 -6.87
CA THR B 134 -5.61 0.20 -5.83
C THR B 134 -6.25 -0.17 -4.52
N LYS B 135 -5.40 -0.56 -3.60
CA LYS B 135 -5.84 -0.80 -2.17
C LYS B 135 -6.42 0.45 -1.50
N THR B 136 -5.89 1.60 -1.89
CA THR B 136 -6.46 2.90 -1.47
C THR B 136 -7.93 3.09 -1.96
N ASN B 137 -8.19 2.79 -3.24
CA ASN B 137 -9.55 2.75 -3.76
C ASN B 137 -10.42 1.84 -2.88
N MET B 138 -9.91 0.67 -2.53
CA MET B 138 -10.73 -0.25 -1.71
C MET B 138 -10.96 0.34 -0.36
N THR B 139 -9.91 0.90 0.27
CA THR B 139 -10.08 1.53 1.56
C THR B 139 -11.17 2.61 1.53
N LYS B 140 -11.19 3.42 0.49
CA LYS B 140 -12.27 4.42 0.32
C LYS B 140 -13.64 3.86 0.22
N ILE B 141 -13.80 2.72 -0.46
CA ILE B 141 -15.15 2.09 -0.54
C ILE B 141 -15.58 1.69 0.85
N LEU B 142 -14.64 1.10 1.61
CA LEU B 142 -14.95 0.63 2.93
C LEU B 142 -15.45 1.77 3.80
N VAL B 143 -14.72 2.90 3.79
CA VAL B 143 -15.11 4.07 4.57
C VAL B 143 -16.51 4.60 4.21
N SER B 144 -16.76 4.68 2.91
CA SER B 144 -18.05 5.15 2.41
C SER B 144 -19.26 4.35 2.92
N LEU B 145 -19.11 3.04 3.01
CA LEU B 145 -20.12 2.18 3.61
C LEU B 145 -20.62 2.70 4.96
N SER B 146 -19.73 3.33 5.69
CA SER B 146 -20.08 3.71 7.03
C SER B 146 -20.46 5.18 7.34
N GLU B 147 -20.88 6.05 6.42
CA GLU B 147 -22.21 6.17 5.76
C GLU B 147 -22.11 6.49 4.27
N ASN B 148 -23.11 6.17 3.43
CA ASN B 148 -24.53 6.00 3.74
C ASN B 148 -24.96 4.75 4.52
#